data_7I2J
#
_entry.id   7I2J
#
_cell.length_a   82.424
_cell.length_b   116.066
_cell.length_c   148.261
_cell.angle_alpha   90.00
_cell.angle_beta   90.00
_cell.angle_gamma   90.00
#
_symmetry.space_group_name_H-M   'I 2 2 2'
#
loop_
_entity.id
_entity.type
_entity.pdbx_description
1 polymer 'NS5 RNA-dependent RNA polymerase'
2 non-polymer 'ZINC ION'
3 non-polymer '2-(N-MORPHOLINO)-ETHANESULFONIC ACID'
4 non-polymer 'DIMETHYL SULFOXIDE'
5 non-polymer 'PHOSPHATE ION'
6 non-polymer DI(HYDROXYETHYL)ETHER
7 non-polymer 4-[(furan-2-yl)methyl]-1lambda~6~,4-thiazinane-1,1-dione
8 non-polymer 'CHLORIDE ION'
9 water water
#
_entity_poly.entity_id   1
_entity_poly.type   'polypeptide(L)'
_entity_poly.pdbx_seq_one_letter_code
;GPGIESETPNLDIIGKRIEKIKQEHETSWHYDQDHPYKTWAYHGSYETKQTGSASSMVNGVVRLLTKPWDIIPMVTQMAM
TDTTPFGQQRVFKEKVDTRTQEPKEGTKKLMKITAEWLWKELGKKKTPRMCTREEFTRKVRSNAALGAIFTDENKWKSAR
EAVEDSGFWELVDKERNLHLEGKCETCVYNMMGKREKKLGEFGKAKGSRAIWYMWLGARFLEFEALGFLNEDHWFSRENS
LSGVEGEGLHKLGYILRDVSKKEGGAMYADDTAGWDTRITLEDLKNEEMVTNHMEGEHKKLAEAIFKLTYQNKVVRVQRP
TPRGTVMDIISRRDQRGSGQVVTYGLNTFTNMEAQLIRQMEGEGVFKSIQHLTVTEEIAVKNWLVRVGRERLSRMAISGD
DCVVKPLDDRFASALTALNDMGKVRKDIQQWEPSRGWNDWTQVPFCSHHFHELIMKDGRVLVVPCRNQDELIGRARISQG
AGWSLRETACLGKSYAQMWSLMYFHRRDLRLAANAICSAVPSHWVPTSRTTWSIHATHEWMTTEDMLTVWNRVWIQENPW
MEDKTPVESWEEIPYLGKREDQWCGSLIGLTSRATWAKNIQTAINQVRSLIGNEEYTDYMPSMKRFRREEEEAGVLW
;
_entity_poly.pdbx_strand_id   A
#
# COMPACT_ATOMS: atom_id res chain seq x y z
N ASN A 10 -25.46 17.36 10.93
CA ASN A 10 -24.39 16.64 11.69
C ASN A 10 -25.02 15.49 12.48
N LEU A 11 -25.72 15.80 13.58
CA LEU A 11 -26.26 14.80 14.55
C LEU A 11 -27.44 14.04 13.92
N ASP A 12 -28.13 14.65 12.94
CA ASP A 12 -29.22 13.97 12.19
C ASP A 12 -28.60 12.86 11.31
N ILE A 13 -27.37 13.07 10.84
CA ILE A 13 -26.66 12.12 9.91
C ILE A 13 -26.11 10.94 10.72
N ILE A 14 -25.63 11.18 11.95
CA ILE A 14 -24.99 10.13 12.81
C ILE A 14 -25.92 9.62 13.92
N GLY A 15 -26.99 10.33 14.26
CA GLY A 15 -27.92 10.00 15.37
C GLY A 15 -28.43 8.57 15.32
N LYS A 16 -28.95 8.16 14.15
CA LYS A 16 -29.59 6.83 13.93
C LYS A 16 -28.59 5.71 14.28
N ARG A 17 -27.35 5.84 13.79
CA ARG A 17 -26.24 4.88 14.05
C ARG A 17 -25.97 4.82 15.55
N ILE A 18 -25.92 5.99 16.21
CA ILE A 18 -25.64 6.12 17.67
C ILE A 18 -26.85 5.58 18.46
N GLU A 19 -28.05 6.07 18.15
CA GLU A 19 -29.33 5.71 18.83
C GLU A 19 -29.57 4.21 18.72
N LYS A 20 -29.15 3.57 17.62
CA LYS A 20 -29.23 2.09 17.42
C LYS A 20 -28.30 1.40 18.42
N ILE A 21 -27.00 1.70 18.38
CA ILE A 21 -25.94 1.05 19.20
C ILE A 21 -26.36 1.05 20.68
N LYS A 22 -26.88 2.18 21.16
CA LYS A 22 -27.35 2.37 22.57
C LYS A 22 -28.29 1.22 22.95
N GLN A 23 -29.36 1.02 22.18
CA GLN A 23 -30.48 0.08 22.49
C GLN A 23 -29.94 -1.34 22.67
N GLU A 24 -28.92 -1.73 21.89
CA GLU A 24 -28.31 -3.08 21.95
C GLU A 24 -27.48 -3.23 23.24
N HIS A 25 -26.91 -2.13 23.75
CA HIS A 25 -26.10 -2.15 25.01
C HIS A 25 -26.66 -1.11 26.01
N GLU A 26 -27.98 -1.06 26.15
CA GLU A 26 -28.69 -0.08 27.03
C GLU A 26 -28.64 -0.56 28.48
N THR A 27 -28.18 -1.79 28.72
CA THR A 27 -27.97 -2.39 30.06
C THR A 27 -26.61 -1.94 30.63
N SER A 28 -25.75 -1.33 29.82
CA SER A 28 -24.39 -0.87 30.21
C SER A 28 -24.10 0.56 29.73
N TRP A 29 -25.11 1.30 29.25
CA TRP A 29 -24.93 2.67 28.68
C TRP A 29 -24.60 3.65 29.80
N HIS A 30 -23.53 4.45 29.62
CA HIS A 30 -23.05 5.47 30.59
C HIS A 30 -22.21 6.53 29.86
N TYR A 31 -22.44 7.81 30.19
CA TYR A 31 -21.65 8.96 29.67
C TYR A 31 -20.53 9.28 30.67
N ASP A 32 -19.31 8.82 30.36
CA ASP A 32 -18.08 9.04 31.18
C ASP A 32 -17.63 10.50 31.02
N GLN A 33 -17.58 11.26 32.12
CA GLN A 33 -17.12 12.67 32.16
C GLN A 33 -15.59 12.73 32.18
N ASP A 34 -14.93 11.61 32.48
CA ASP A 34 -13.45 11.45 32.44
C ASP A 34 -13.04 10.78 31.12
N HIS A 35 -13.63 11.21 30.00
CA HIS A 35 -13.32 10.72 28.63
C HIS A 35 -12.10 11.47 28.09
N PRO A 36 -11.10 10.77 27.52
CA PRO A 36 -9.86 11.42 27.08
C PRO A 36 -9.97 12.25 25.79
N TYR A 37 -11.10 12.14 25.07
CA TYR A 37 -11.30 12.66 23.70
C TYR A 37 -11.43 14.19 23.74
N LYS A 38 -10.60 14.87 22.94
CA LYS A 38 -10.62 16.35 22.77
C LYS A 38 -11.06 16.69 21.34
N THR A 39 -10.41 16.09 20.33
CA THR A 39 -10.65 16.35 18.89
C THR A 39 -11.82 15.49 18.40
N TRP A 40 -11.95 14.26 18.90
CA TRP A 40 -13.11 13.36 18.69
C TRP A 40 -14.29 13.83 19.55
N ALA A 41 -15.52 13.64 19.07
CA ALA A 41 -16.79 13.95 19.78
C ALA A 41 -17.32 12.67 20.44
N TYR A 42 -17.26 12.61 21.78
CA TYR A 42 -17.67 11.45 22.62
C TYR A 42 -19.19 11.49 22.85
N HIS A 43 -19.87 10.36 22.68
CA HIS A 43 -21.35 10.22 22.74
C HIS A 43 -21.78 9.34 23.92
N GLY A 44 -21.08 8.22 24.16
CA GLY A 44 -21.39 7.30 25.28
C GLY A 44 -20.46 6.10 25.31
N SER A 45 -20.70 5.17 26.23
CA SER A 45 -19.88 3.95 26.47
C SER A 45 -20.79 2.77 26.88
N TYR A 46 -20.25 1.55 26.77
CA TYR A 46 -21.01 0.35 27.19
C TYR A 46 -20.03 -0.79 27.50
N GLU A 47 -20.43 -1.71 28.37
CA GLU A 47 -19.54 -2.82 28.79
C GLU A 47 -19.04 -3.60 27.57
N THR A 48 -17.78 -4.03 27.59
CA THR A 48 -17.19 -4.83 26.47
C THR A 48 -15.99 -5.59 27.00
N LYS A 49 -15.36 -6.41 26.16
CA LYS A 49 -14.15 -7.17 26.57
C LYS A 49 -13.50 -7.79 25.32
N SER A 55 -1.12 -11.46 17.80
CA SER A 55 0.33 -11.12 17.77
C SER A 55 1.04 -11.96 16.68
N SER A 56 2.30 -11.62 16.41
CA SER A 56 3.14 -12.17 15.31
C SER A 56 3.80 -13.47 15.77
N MET A 57 3.58 -14.56 15.04
CA MET A 57 4.14 -15.91 15.32
C MET A 57 5.35 -16.14 14.41
N VAL A 58 6.32 -16.97 14.80
CA VAL A 58 7.50 -17.24 13.95
C VAL A 58 7.21 -18.41 12.99
N ASN A 59 7.55 -18.24 11.70
CA ASN A 59 7.52 -19.28 10.65
C ASN A 59 8.74 -20.18 10.82
N GLY A 60 8.57 -21.37 11.37
CA GLY A 60 9.67 -22.28 11.72
C GLY A 60 10.41 -22.84 10.50
N VAL A 61 9.73 -23.02 9.39
CA VAL A 61 10.41 -23.48 8.16
C VAL A 61 11.45 -22.43 7.78
N VAL A 62 11.06 -21.15 7.67
CA VAL A 62 12.01 -20.08 7.24
C VAL A 62 13.11 -19.92 8.31
N ARG A 63 12.77 -19.92 9.60
CA ARG A 63 13.82 -19.70 10.61
C ARG A 63 14.87 -20.84 10.54
N LEU A 64 14.46 -22.11 10.46
CA LEU A 64 15.43 -23.25 10.53
C LEU A 64 16.37 -23.15 9.32
N LEU A 65 15.95 -22.47 8.24
CA LEU A 65 16.78 -22.36 7.00
C LEU A 65 17.50 -21.00 6.90
N THR A 66 17.48 -20.19 7.96
CA THR A 66 18.19 -18.90 8.07
C THR A 66 18.91 -18.81 9.44
N LYS A 67 19.62 -19.82 9.83
CA LYS A 67 20.23 -19.92 11.19
C LYS A 67 21.21 -18.78 11.46
N PRO A 68 22.09 -18.30 10.55
CA PRO A 68 22.98 -17.20 10.90
C PRO A 68 22.26 -15.97 11.49
N TRP A 69 21.00 -15.75 11.08
CA TRP A 69 20.20 -14.57 11.49
C TRP A 69 19.60 -14.76 12.89
N ASP A 70 19.73 -15.92 13.52
CA ASP A 70 19.18 -16.14 14.88
C ASP A 70 19.89 -15.24 15.91
N ILE A 71 21.06 -14.68 15.57
CA ILE A 71 21.90 -13.87 16.49
C ILE A 71 21.97 -12.41 16.03
N ILE A 72 21.18 -12.02 15.01
CA ILE A 72 21.14 -10.62 14.48
C ILE A 72 19.92 -9.93 15.07
N PRO A 73 20.10 -9.06 16.10
CA PRO A 73 18.97 -8.38 16.73
C PRO A 73 18.02 -7.65 15.77
N MET A 74 18.50 -7.05 14.67
CA MET A 74 17.56 -6.36 13.74
C MET A 74 16.56 -7.39 13.19
N VAL A 75 16.96 -8.66 13.02
CA VAL A 75 16.03 -9.72 12.54
C VAL A 75 15.16 -10.21 13.69
N THR A 76 15.74 -10.62 14.81
CA THR A 76 15.05 -11.34 15.87
C THR A 76 14.07 -10.43 16.59
N GLN A 77 14.37 -9.14 16.67
CA GLN A 77 13.50 -8.20 17.44
C GLN A 77 12.24 -7.93 16.64
N MET A 78 12.28 -8.08 15.31
CA MET A 78 11.09 -7.83 14.47
C MET A 78 9.95 -8.75 14.87
N ALA A 79 10.22 -9.94 15.45
CA ALA A 79 9.15 -10.92 15.76
C ALA A 79 8.60 -10.71 17.17
N MET A 80 9.16 -9.85 18.02
CA MET A 80 8.66 -9.66 19.42
C MET A 80 7.52 -8.64 19.49
N THR A 81 6.65 -8.72 20.51
CA THR A 81 5.85 -7.60 21.05
C THR A 81 4.36 -7.74 20.84
N LYS A 93 -1.58 6.36 18.57
CA LYS A 93 -2.97 6.66 19.04
C LYS A 93 -3.00 8.02 19.78
N GLU A 94 -1.84 8.69 19.92
CA GLU A 94 -1.73 10.07 20.46
C GLU A 94 -1.55 11.05 19.28
N LYS A 95 -1.68 10.55 18.05
CA LYS A 95 -1.66 11.34 16.78
C LYS A 95 -3.06 11.35 16.16
N VAL A 96 -3.84 10.28 16.32
CA VAL A 96 -5.23 10.15 15.77
C VAL A 96 -6.12 11.20 16.46
N ASP A 97 -5.85 11.53 17.73
CA ASP A 97 -6.58 12.59 18.49
C ASP A 97 -5.85 13.94 18.31
N THR A 98 -5.67 14.39 17.06
CA THR A 98 -5.12 15.73 16.67
C THR A 98 -6.14 16.40 15.75
N ARG A 99 -6.06 17.73 15.65
CA ARG A 99 -7.02 18.60 14.90
C ARG A 99 -6.25 19.43 13.88
N THR A 100 -6.62 19.31 12.60
CA THR A 100 -5.97 20.10 11.51
C THR A 100 -6.77 21.38 11.28
N GLN A 101 -6.10 22.48 10.90
CA GLN A 101 -6.79 23.78 10.72
C GLN A 101 -7.36 23.90 9.30
N GLU A 102 -8.37 24.75 9.12
CA GLU A 102 -8.94 25.00 7.77
C GLU A 102 -7.91 25.74 6.93
N PRO A 103 -7.66 25.33 5.67
CA PRO A 103 -6.73 26.03 4.80
C PRO A 103 -7.22 27.44 4.45
N LYS A 104 -6.29 28.32 4.03
CA LYS A 104 -6.67 29.70 3.62
C LYS A 104 -7.54 29.66 2.36
N GLU A 105 -8.11 30.80 1.98
CA GLU A 105 -9.04 30.84 0.83
C GLU A 105 -8.27 30.56 -0.46
N GLY A 106 -7.03 31.06 -0.58
CA GLY A 106 -6.20 30.84 -1.79
C GLY A 106 -5.80 29.35 -1.92
N THR A 107 -5.41 28.70 -0.82
CA THR A 107 -5.17 27.24 -0.76
C THR A 107 -6.42 26.49 -1.27
N LYS A 108 -7.57 26.64 -0.59
CA LYS A 108 -8.89 26.03 -0.96
C LYS A 108 -9.23 26.19 -2.47
N LYS A 109 -8.90 27.36 -3.04
CA LYS A 109 -9.13 27.71 -4.47
C LYS A 109 -8.18 26.90 -5.37
N LEU A 110 -6.91 26.79 -4.97
CA LEU A 110 -5.87 25.98 -5.69
C LEU A 110 -6.30 24.51 -5.70
N MET A 111 -6.75 24.00 -4.55
CA MET A 111 -7.15 22.58 -4.37
C MET A 111 -8.39 22.22 -5.23
N LYS A 112 -9.41 23.08 -5.24
CA LYS A 112 -10.69 22.88 -5.96
C LYS A 112 -10.44 22.89 -7.48
N ILE A 113 -9.69 23.89 -7.97
CA ILE A 113 -9.35 24.01 -9.42
C ILE A 113 -8.54 22.80 -9.88
N THR A 114 -7.52 22.40 -9.10
CA THR A 114 -6.63 21.26 -9.43
C THR A 114 -7.43 19.96 -9.42
N ALA A 115 -8.26 19.78 -8.38
CA ALA A 115 -9.09 18.56 -8.20
C ALA A 115 -10.09 18.40 -9.36
N GLU A 116 -10.76 19.49 -9.73
CA GLU A 116 -11.74 19.52 -10.86
C GLU A 116 -11.02 19.06 -12.13
N TRP A 117 -9.87 19.66 -12.44
CA TRP A 117 -9.06 19.29 -13.64
C TRP A 117 -8.55 17.84 -13.53
N LEU A 118 -8.14 17.38 -12.35
CA LEU A 118 -7.51 16.02 -12.24
C LEU A 118 -8.57 14.93 -12.47
N TRP A 119 -9.74 14.99 -11.81
CA TRP A 119 -10.87 14.04 -12.08
C TRP A 119 -11.24 14.05 -13.58
N LYS A 120 -11.30 15.21 -14.21
CA LYS A 120 -11.57 15.21 -15.67
C LYS A 120 -10.46 14.44 -16.36
N GLU A 121 -9.19 14.70 -16.07
CA GLU A 121 -8.10 13.97 -16.79
C GLU A 121 -8.22 12.48 -16.54
N LEU A 122 -8.51 12.07 -15.30
CA LEU A 122 -8.49 10.62 -14.97
C LEU A 122 -9.69 9.96 -15.69
N GLY A 123 -10.73 10.76 -15.91
CA GLY A 123 -12.01 10.36 -16.52
C GLY A 123 -11.98 10.33 -18.02
N LYS A 124 -11.00 10.93 -18.69
CA LYS A 124 -11.04 11.05 -20.17
C LYS A 124 -11.14 9.69 -20.86
N LYS A 125 -10.46 8.64 -20.39
CA LYS A 125 -10.42 7.31 -21.05
C LYS A 125 -10.98 6.22 -20.12
N LYS A 126 -11.80 6.56 -19.13
CA LYS A 126 -12.36 5.56 -18.19
C LYS A 126 -13.82 5.90 -17.97
N THR A 127 -14.64 4.90 -17.65
CA THR A 127 -16.09 5.07 -17.40
C THR A 127 -16.44 4.66 -15.98
N PRO A 128 -16.79 5.59 -15.09
CA PRO A 128 -17.23 5.17 -13.76
C PRO A 128 -18.37 4.14 -13.88
N ARG A 129 -18.41 3.17 -12.99
CA ARG A 129 -19.46 2.13 -13.01
C ARG A 129 -19.55 1.46 -11.65
N MET A 130 -20.68 0.83 -11.38
CA MET A 130 -20.95 0.12 -10.11
C MET A 130 -20.23 -1.23 -10.16
N CYS A 131 -19.69 -1.63 -9.02
CA CYS A 131 -19.16 -3.01 -8.84
C CYS A 131 -20.32 -3.87 -8.28
N THR A 132 -20.28 -5.18 -8.52
CA THR A 132 -21.45 -6.08 -8.35
C THR A 132 -21.24 -7.06 -7.20
N ARG A 133 -22.34 -7.57 -6.64
CA ARG A 133 -22.36 -8.70 -5.67
C ARG A 133 -21.53 -9.84 -6.25
N GLU A 134 -21.73 -10.12 -7.53
CA GLU A 134 -20.98 -11.20 -8.23
C GLU A 134 -19.50 -10.91 -7.93
N GLU A 135 -18.97 -9.78 -8.40
CA GLU A 135 -17.54 -9.38 -8.23
C GLU A 135 -17.13 -9.46 -6.75
N PHE A 136 -17.96 -8.91 -5.86
CA PHE A 136 -17.66 -8.83 -4.41
C PHE A 136 -17.53 -10.28 -3.86
N THR A 137 -18.48 -11.14 -4.23
CA THR A 137 -18.50 -12.58 -3.87
C THR A 137 -17.21 -13.28 -4.32
N ARG A 138 -16.83 -13.10 -5.59
CA ARG A 138 -15.67 -13.80 -6.21
C ARG A 138 -14.36 -13.34 -5.56
N LYS A 139 -14.33 -12.14 -4.97
CA LYS A 139 -13.15 -11.59 -4.26
C LYS A 139 -12.93 -12.33 -2.94
N VAL A 140 -14.00 -12.50 -2.13
CA VAL A 140 -13.91 -13.11 -0.77
C VAL A 140 -13.60 -14.61 -0.90
N ARG A 141 -13.94 -15.22 -2.04
CA ARG A 141 -13.79 -16.68 -2.29
C ARG A 141 -12.40 -17.00 -2.84
N SER A 142 -11.46 -16.05 -2.79
CA SER A 142 -10.01 -16.26 -3.09
C SER A 142 -9.15 -15.35 -2.21
N ASN A 143 -9.59 -15.10 -0.97
CA ASN A 143 -8.84 -14.37 0.09
C ASN A 143 -8.67 -12.89 -0.29
N ALA A 144 -9.47 -12.01 0.33
CA ALA A 144 -9.37 -10.53 0.21
C ALA A 144 -10.09 -9.87 1.40
N ALA A 145 -9.80 -10.34 2.62
CA ALA A 145 -10.31 -9.78 3.89
C ALA A 145 -9.32 -8.74 4.42
N LEU A 146 -9.76 -7.50 4.63
CA LEU A 146 -8.89 -6.33 4.94
C LEU A 146 -9.60 -5.41 5.95
N GLY A 147 -9.71 -5.86 7.19
CA GLY A 147 -10.40 -5.16 8.29
C GLY A 147 -11.91 -5.30 8.17
N ALA A 148 -12.47 -6.40 8.68
CA ALA A 148 -13.90 -6.77 8.57
C ALA A 148 -14.44 -7.24 9.92
N ILE A 149 -15.77 -7.23 10.08
CA ILE A 149 -16.53 -7.83 11.22
C ILE A 149 -17.74 -8.59 10.64
N TRP A 156 -22.91 -15.28 11.35
CA TRP A 156 -21.92 -16.11 10.62
C TRP A 156 -20.55 -16.05 11.31
N LYS A 157 -19.65 -16.96 10.94
CA LYS A 157 -18.26 -17.05 11.46
C LYS A 157 -17.36 -16.15 10.60
N SER A 158 -17.26 -16.46 9.29
CA SER A 158 -16.39 -15.77 8.30
C SER A 158 -17.24 -15.01 7.28
N ALA A 159 -16.57 -14.22 6.44
CA ALA A 159 -17.18 -13.45 5.32
C ALA A 159 -17.44 -14.39 4.13
N ARG A 160 -16.71 -15.51 4.06
CA ARG A 160 -16.90 -16.57 3.03
C ARG A 160 -18.31 -17.17 3.17
N GLU A 161 -18.79 -17.33 4.41
CA GLU A 161 -20.14 -17.90 4.73
C GLU A 161 -21.23 -16.88 4.42
N ALA A 162 -21.11 -15.67 4.99
CA ALA A 162 -22.11 -14.58 4.96
C ALA A 162 -22.56 -14.29 3.51
N VAL A 163 -21.64 -14.41 2.55
CA VAL A 163 -21.85 -14.10 1.11
C VAL A 163 -22.71 -15.18 0.45
N GLU A 164 -22.77 -16.39 1.03
CA GLU A 164 -23.59 -17.53 0.53
C GLU A 164 -24.84 -17.66 1.39
N ASP A 165 -25.56 -16.56 1.64
CA ASP A 165 -26.77 -16.53 2.50
C ASP A 165 -27.52 -15.21 2.24
N SER A 166 -28.66 -15.29 1.57
CA SER A 166 -29.45 -14.14 1.06
C SER A 166 -29.95 -13.27 2.20
N GLY A 167 -29.94 -13.76 3.45
CA GLY A 167 -30.32 -12.99 4.64
C GLY A 167 -29.44 -11.75 4.78
N PHE A 168 -28.13 -11.97 4.80
CA PHE A 168 -27.06 -10.93 4.68
C PHE A 168 -27.45 -9.92 3.59
N TRP A 169 -27.70 -10.40 2.37
CA TRP A 169 -28.02 -9.54 1.22
C TRP A 169 -29.31 -8.73 1.47
N GLU A 170 -30.22 -9.19 2.34
CA GLU A 170 -31.44 -8.41 2.69
C GLU A 170 -31.02 -7.27 3.63
N LEU A 171 -30.11 -7.55 4.56
CA LEU A 171 -29.48 -6.50 5.42
C LEU A 171 -28.89 -5.41 4.50
N VAL A 172 -28.10 -5.83 3.51
CA VAL A 172 -27.40 -4.97 2.52
C VAL A 172 -28.44 -4.13 1.77
N ASP A 173 -29.56 -4.75 1.36
CA ASP A 173 -30.70 -4.07 0.67
C ASP A 173 -31.28 -3.00 1.60
N LYS A 174 -31.45 -3.32 2.90
CA LYS A 174 -32.05 -2.40 3.90
C LYS A 174 -31.16 -1.15 4.01
N GLU A 175 -29.86 -1.33 4.24
CA GLU A 175 -28.85 -0.25 4.32
C GLU A 175 -28.86 0.57 3.03
N ARG A 176 -28.87 -0.12 1.88
CA ARG A 176 -28.76 0.46 0.52
C ARG A 176 -29.91 1.44 0.26
N ASN A 177 -31.16 1.00 0.49
CA ASN A 177 -32.38 1.83 0.31
C ASN A 177 -32.35 2.97 1.35
N LEU A 178 -31.84 2.72 2.55
CA LEU A 178 -31.57 3.82 3.52
C LEU A 178 -30.60 4.84 2.92
N HIS A 179 -29.48 4.42 2.31
CA HIS A 179 -28.52 5.38 1.69
C HIS A 179 -29.25 6.21 0.60
N LEU A 180 -29.98 5.58 -0.34
CA LEU A 180 -30.76 6.28 -1.40
C LEU A 180 -31.70 7.32 -0.76
N GLU A 181 -32.06 7.12 0.51
CA GLU A 181 -32.94 8.00 1.32
C GLU A 181 -32.13 9.05 2.10
N GLY A 182 -30.80 9.10 1.91
CA GLY A 182 -29.88 10.05 2.59
C GLY A 182 -29.68 9.78 4.08
N LYS A 183 -29.81 8.51 4.48
CA LYS A 183 -29.75 8.05 5.89
C LYS A 183 -28.82 6.84 6.00
N CYS A 184 -28.25 6.60 7.19
CA CYS A 184 -27.34 5.47 7.48
C CYS A 184 -27.67 4.90 8.86
N GLU A 185 -27.55 3.58 9.02
CA GLU A 185 -27.98 2.83 10.23
C GLU A 185 -26.86 1.95 10.79
N THR A 186 -26.09 1.27 9.92
CA THR A 186 -25.16 0.17 10.33
C THR A 186 -23.79 0.30 9.65
N CYS A 187 -23.31 1.53 9.39
CA CYS A 187 -21.93 1.80 8.89
C CYS A 187 -21.14 2.59 9.94
N VAL A 188 -20.76 1.91 11.03
CA VAL A 188 -19.96 2.45 12.16
C VAL A 188 -18.65 1.64 12.23
N TYR A 189 -17.50 2.32 12.15
CA TYR A 189 -16.16 1.69 12.11
C TYR A 189 -15.80 1.12 13.49
N ASN A 190 -14.92 0.12 13.50
CA ASN A 190 -14.33 -0.50 14.73
C ASN A 190 -12.81 -0.23 14.71
N MET A 191 -12.29 0.45 15.74
CA MET A 191 -10.90 0.96 15.79
C MET A 191 -10.09 0.23 16.88
N MET A 192 -8.95 -0.36 16.51
CA MET A 192 -7.90 -0.89 17.43
C MET A 192 -6.53 -0.34 17.01
N ALA A 210 -3.40 2.94 13.86
CA ALA A 210 -4.85 2.68 14.03
C ALA A 210 -5.44 2.10 12.73
N ILE A 211 -6.12 0.95 12.84
CA ILE A 211 -6.84 0.26 11.72
C ILE A 211 -8.34 0.31 11.99
N TRP A 212 -9.14 0.66 10.98
CA TRP A 212 -10.61 0.88 11.07
C TRP A 212 -11.33 -0.29 10.39
N TYR A 213 -11.92 -1.15 11.22
CA TYR A 213 -12.71 -2.28 10.70
C TYR A 213 -14.11 -1.80 10.35
N MET A 214 -14.77 -2.49 9.41
CA MET A 214 -16.17 -2.19 9.03
C MET A 214 -16.85 -3.50 8.61
N TRP A 215 -18.12 -3.70 9.02
CA TRP A 215 -18.87 -4.96 8.78
C TRP A 215 -19.03 -5.17 7.26
N LEU A 216 -19.04 -6.43 6.81
CA LEU A 216 -18.98 -6.77 5.37
C LEU A 216 -20.03 -6.02 4.53
N GLY A 217 -21.23 -5.79 5.05
CA GLY A 217 -22.30 -5.09 4.30
C GLY A 217 -21.88 -3.70 3.87
N ALA A 218 -21.39 -2.90 4.82
CA ALA A 218 -20.84 -1.53 4.63
C ALA A 218 -19.67 -1.56 3.64
N ARG A 219 -18.79 -2.55 3.79
CA ARG A 219 -17.66 -2.87 2.87
C ARG A 219 -18.20 -3.05 1.46
N PHE A 220 -19.27 -3.87 1.31
CA PHE A 220 -19.92 -4.15 0.02
C PHE A 220 -20.39 -2.83 -0.60
N LEU A 221 -21.12 -2.02 0.15
CA LEU A 221 -21.70 -0.75 -0.34
C LEU A 221 -20.57 0.21 -0.75
N GLU A 222 -19.47 0.22 0.00
CA GLU A 222 -18.30 1.05 -0.38
C GLU A 222 -17.76 0.56 -1.72
N PHE A 223 -17.57 -0.76 -1.85
CA PHE A 223 -17.04 -1.46 -3.06
C PHE A 223 -17.96 -1.21 -4.25
N GLU A 224 -19.27 -1.22 -4.03
CA GLU A 224 -20.29 -1.03 -5.09
C GLU A 224 -20.13 0.35 -5.71
N ALA A 225 -19.84 1.34 -4.86
CA ALA A 225 -19.89 2.76 -5.23
C ALA A 225 -18.52 3.22 -5.77
N LEU A 226 -17.43 2.68 -5.23
CA LEU A 226 -16.06 3.26 -5.38
C LEU A 226 -15.03 2.22 -5.83
N GLY A 227 -15.38 0.93 -5.82
CA GLY A 227 -14.53 -0.19 -6.24
C GLY A 227 -13.94 0.02 -7.63
N PHE A 228 -14.62 0.74 -8.49
CA PHE A 228 -14.20 0.93 -9.91
C PHE A 228 -12.81 1.60 -10.02
N LEU A 229 -12.47 2.46 -9.06
CA LEU A 229 -11.17 3.21 -9.00
C LEU A 229 -10.00 2.22 -9.02
N ASN A 230 -10.07 1.20 -8.19
CA ASN A 230 -9.10 0.07 -8.14
C ASN A 230 -9.35 -0.94 -9.29
N GLU A 231 -10.57 -1.48 -9.36
CA GLU A 231 -10.94 -2.57 -10.29
C GLU A 231 -10.67 -2.18 -11.74
N ASP A 232 -10.86 -0.91 -12.17
CA ASP A 232 -10.59 -0.48 -13.58
C ASP A 232 -9.34 0.41 -13.67
N HIS A 233 -8.48 0.40 -12.65
CA HIS A 233 -7.09 0.90 -12.75
C HIS A 233 -7.06 2.39 -13.09
N TRP A 234 -7.76 3.20 -12.29
CA TRP A 234 -7.81 4.68 -12.44
C TRP A 234 -6.41 5.27 -12.18
N PHE A 235 -5.63 4.60 -11.32
CA PHE A 235 -4.29 5.05 -10.91
C PHE A 235 -3.14 4.29 -11.61
N SER A 236 -3.43 3.56 -12.68
CA SER A 236 -2.38 2.96 -13.56
C SER A 236 -1.49 4.09 -14.07
N ARG A 237 -0.22 3.80 -14.36
CA ARG A 237 0.70 4.81 -14.92
C ARG A 237 0.11 5.29 -16.25
N GLU A 238 -0.39 4.40 -17.09
CA GLU A 238 -0.90 4.77 -18.44
C GLU A 238 -2.05 5.75 -18.27
N ASN A 239 -2.92 5.49 -17.31
CA ASN A 239 -4.10 6.36 -17.17
C ASN A 239 -3.84 7.67 -16.40
N SER A 240 -3.08 7.68 -15.29
CA SER A 240 -2.91 8.85 -14.38
C SER A 240 -1.56 9.58 -14.52
N LEU A 241 -0.57 9.02 -15.23
CA LEU A 241 0.77 9.57 -15.58
C LEU A 241 1.71 9.59 -14.35
N SER A 242 1.21 9.87 -13.14
CA SER A 242 1.99 9.88 -11.90
C SER A 242 1.88 8.54 -11.19
N GLY A 243 0.73 7.90 -11.33
CA GLY A 243 0.39 6.66 -10.60
C GLY A 243 1.25 5.48 -10.99
N VAL A 244 1.23 4.47 -10.15
CA VAL A 244 1.94 3.18 -10.36
C VAL A 244 1.01 2.01 -9.96
N GLU A 245 -0.31 2.21 -9.87
CA GLU A 245 -1.20 1.10 -9.38
C GLU A 245 -1.08 -0.11 -10.32
N GLY A 246 -0.85 -1.31 -9.77
CA GLY A 246 -0.64 -2.55 -10.57
C GLY A 246 0.72 -2.63 -11.24
N GLU A 247 1.67 -1.72 -10.99
CA GLU A 247 2.91 -1.72 -11.80
C GLU A 247 3.79 -2.91 -11.37
N GLY A 248 3.94 -3.21 -10.08
CA GLY A 248 4.85 -4.33 -9.70
C GLY A 248 6.28 -3.85 -9.38
N LEU A 249 6.90 -4.48 -8.41
N LEU A 249 6.90 -4.46 -8.37
CA LEU A 249 8.18 -4.06 -7.79
CA LEU A 249 8.21 -4.05 -7.80
C LEU A 249 9.33 -4.18 -8.80
C LEU A 249 9.29 -4.09 -8.88
N HIS A 250 9.17 -5.01 -9.84
CA HIS A 250 10.10 -5.16 -10.98
C HIS A 250 9.93 -4.04 -12.01
N LYS A 251 8.92 -3.16 -11.84
CA LYS A 251 8.72 -2.00 -12.75
C LYS A 251 9.09 -0.69 -12.08
N LEU A 252 8.99 -0.58 -10.74
CA LEU A 252 9.10 0.73 -10.03
C LEU A 252 10.47 1.37 -10.29
N GLY A 253 11.54 0.58 -10.29
CA GLY A 253 12.88 1.11 -10.56
C GLY A 253 13.03 1.67 -11.98
N TYR A 254 12.49 0.99 -12.98
CA TYR A 254 12.50 1.46 -14.38
C TYR A 254 11.70 2.78 -14.51
N ILE A 255 10.59 2.87 -13.79
CA ILE A 255 9.76 4.08 -13.74
C ILE A 255 10.55 5.25 -13.14
N LEU A 256 11.23 5.07 -11.99
CA LEU A 256 12.07 6.14 -11.38
C LEU A 256 13.19 6.56 -12.34
N ARG A 257 13.86 5.60 -12.99
CA ARG A 257 14.91 5.91 -13.98
C ARG A 257 14.31 6.71 -15.14
N ASP A 258 13.08 6.42 -15.55
CA ASP A 258 12.42 7.21 -16.65
C ASP A 258 12.19 8.66 -16.16
N VAL A 259 11.69 8.85 -14.95
CA VAL A 259 11.52 10.20 -14.35
C VAL A 259 12.87 10.93 -14.36
N SER A 260 13.95 10.25 -13.99
CA SER A 260 15.32 10.82 -13.89
C SER A 260 15.80 11.38 -15.24
N LYS A 261 15.27 10.88 -16.35
CA LYS A 261 15.69 11.24 -17.72
C LYS A 261 15.15 12.61 -18.12
N LYS A 262 14.12 13.10 -17.42
CA LYS A 262 13.50 14.43 -17.63
C LYS A 262 14.55 15.47 -17.24
N GLU A 263 14.66 16.54 -18.03
CA GLU A 263 15.42 17.75 -17.61
C GLU A 263 14.75 18.28 -16.33
N GLY A 264 15.51 18.63 -15.31
CA GLY A 264 14.99 19.34 -14.12
C GLY A 264 15.98 19.32 -12.98
N GLY A 265 15.52 19.50 -11.75
CA GLY A 265 16.43 19.55 -10.59
C GLY A 265 16.54 18.21 -9.87
N ALA A 266 16.76 18.23 -8.56
CA ALA A 266 16.93 17.04 -7.73
C ALA A 266 15.63 16.24 -7.78
N MET A 267 15.67 14.98 -7.34
CA MET A 267 14.48 14.14 -7.10
C MET A 267 14.14 14.32 -5.61
N TYR A 268 12.89 14.72 -5.31
CA TYR A 268 12.39 14.93 -3.94
C TYR A 268 11.48 13.80 -3.56
N ALA A 269 11.66 13.34 -2.33
CA ALA A 269 10.88 12.23 -1.77
C ALA A 269 10.61 12.54 -0.31
N ASP A 270 9.77 13.54 -0.09
CA ASP A 270 9.39 13.97 1.28
C ASP A 270 8.22 13.10 1.74
N ASP A 271 8.41 12.34 2.79
CA ASP A 271 7.30 11.66 3.49
C ASP A 271 6.51 12.66 4.31
N THR A 272 5.19 12.48 4.35
CA THR A 272 4.25 13.28 5.19
C THR A 272 4.16 12.59 6.55
N ALA A 273 4.18 13.38 7.64
CA ALA A 273 3.94 12.90 9.02
C ALA A 273 2.46 12.54 9.16
N GLY A 274 2.15 11.25 9.30
CA GLY A 274 0.77 10.75 9.54
C GLY A 274 -0.24 11.19 8.48
N TRP A 275 -0.01 10.86 7.21
CA TRP A 275 -0.83 11.37 6.08
C TRP A 275 -2.34 11.21 6.32
N ASP A 276 -2.80 10.06 6.84
CA ASP A 276 -4.26 9.75 7.03
C ASP A 276 -4.90 10.75 8.03
N THR A 277 -4.15 11.17 9.05
CA THR A 277 -4.64 12.12 10.08
C THR A 277 -4.66 13.58 9.59
N ARG A 278 -4.01 13.86 8.46
CA ARG A 278 -3.84 15.22 7.88
C ARG A 278 -4.80 15.44 6.71
N ILE A 279 -5.74 14.51 6.49
CA ILE A 279 -6.79 14.63 5.44
C ILE A 279 -7.89 15.55 5.98
N THR A 280 -8.08 16.72 5.35
CA THR A 280 -9.02 17.77 5.81
C THR A 280 -10.41 17.47 5.25
N LEU A 281 -11.44 18.03 5.88
CA LEU A 281 -12.79 18.00 5.28
C LEU A 281 -12.73 18.63 3.88
N GLU A 282 -11.85 19.60 3.62
CA GLU A 282 -11.71 20.21 2.26
C GLU A 282 -11.17 19.17 1.26
N ASP A 283 -10.23 18.35 1.70
CA ASP A 283 -9.74 17.19 0.92
C ASP A 283 -10.91 16.23 0.63
N LEU A 284 -11.65 15.79 1.65
CA LEU A 284 -12.81 14.86 1.47
C LEU A 284 -13.81 15.40 0.41
N LYS A 285 -14.06 16.71 0.43
CA LYS A 285 -14.98 17.43 -0.50
C LYS A 285 -14.42 17.41 -1.92
N ASN A 286 -13.12 17.66 -2.10
CA ASN A 286 -12.49 17.57 -3.45
C ASN A 286 -12.50 16.12 -3.97
N GLU A 287 -12.30 15.12 -3.11
CA GLU A 287 -12.38 13.69 -3.50
C GLU A 287 -13.81 13.33 -3.99
N GLU A 288 -14.85 13.86 -3.33
N GLU A 288 -14.83 13.89 -3.33
CA GLU A 288 -16.28 13.60 -3.64
CA GLU A 288 -16.27 13.65 -3.61
C GLU A 288 -16.61 14.05 -5.08
C GLU A 288 -16.63 14.09 -5.04
N MET A 289 -15.88 15.03 -5.62
CA MET A 289 -16.14 15.54 -6.99
C MET A 289 -16.01 14.44 -8.04
N VAL A 290 -15.48 13.27 -7.69
CA VAL A 290 -15.53 12.12 -8.66
C VAL A 290 -17.01 11.84 -9.01
N THR A 291 -17.95 12.02 -8.07
CA THR A 291 -19.43 11.82 -8.30
C THR A 291 -19.96 12.72 -9.43
N ASN A 292 -19.35 13.88 -9.69
CA ASN A 292 -19.73 14.74 -10.85
C ASN A 292 -19.58 14.00 -12.18
N HIS A 293 -18.92 12.84 -12.21
CA HIS A 293 -18.66 12.11 -13.48
C HIS A 293 -19.57 10.89 -13.62
N MET A 294 -20.40 10.67 -12.61
CA MET A 294 -21.27 9.50 -12.43
C MET A 294 -22.71 9.90 -12.83
N GLU A 295 -23.65 8.97 -12.73
CA GLU A 295 -25.06 9.20 -13.10
C GLU A 295 -25.98 8.16 -12.47
N GLY A 296 -27.27 8.43 -12.58
CA GLY A 296 -28.32 7.48 -12.17
C GLY A 296 -28.16 7.11 -10.72
N GLU A 297 -28.42 5.83 -10.43
CA GLU A 297 -28.30 5.22 -9.08
C GLU A 297 -26.85 5.42 -8.57
N HIS A 298 -25.87 5.25 -9.47
CA HIS A 298 -24.44 5.17 -9.08
C HIS A 298 -24.11 6.48 -8.35
N LYS A 299 -24.41 7.60 -9.01
CA LYS A 299 -24.11 8.95 -8.52
C LYS A 299 -24.66 9.07 -7.10
N LYS A 300 -25.87 8.56 -6.90
CA LYS A 300 -26.57 8.70 -5.59
C LYS A 300 -25.88 7.80 -4.57
N LEU A 301 -25.57 6.56 -4.94
CA LEU A 301 -24.93 5.59 -4.00
C LEU A 301 -23.55 6.15 -3.53
N ALA A 302 -22.74 6.68 -4.46
CA ALA A 302 -21.39 7.19 -4.19
C ALA A 302 -21.50 8.41 -3.28
N GLU A 303 -22.43 9.32 -3.62
CA GLU A 303 -22.71 10.57 -2.86
C GLU A 303 -23.01 10.25 -1.39
N ALA A 304 -23.66 9.12 -1.14
CA ALA A 304 -24.08 8.71 0.21
C ALA A 304 -22.86 8.19 0.98
N ILE A 305 -22.02 7.39 0.32
CA ILE A 305 -20.77 6.87 0.93
C ILE A 305 -19.94 8.09 1.40
N PHE A 306 -19.75 9.07 0.53
CA PHE A 306 -18.96 10.31 0.81
C PHE A 306 -19.58 11.13 1.95
N LYS A 307 -20.89 11.47 1.85
CA LYS A 307 -21.64 12.24 2.89
C LYS A 307 -21.67 11.50 4.22
N LEU A 308 -22.11 10.24 4.24
CA LEU A 308 -22.59 9.59 5.48
C LEU A 308 -21.49 8.77 6.15
N THR A 309 -20.50 8.28 5.39
CA THR A 309 -19.49 7.36 5.94
C THR A 309 -18.12 8.05 6.02
N TYR A 310 -17.79 8.99 5.13
CA TYR A 310 -16.41 9.57 5.01
C TYR A 310 -16.40 10.95 5.67
N GLN A 311 -17.33 11.84 5.27
CA GLN A 311 -17.43 13.23 5.76
C GLN A 311 -18.15 13.33 7.12
N ASN A 312 -18.81 12.27 7.60
CA ASN A 312 -19.58 12.28 8.87
C ASN A 312 -19.44 10.90 9.54
N LYS A 313 -18.26 10.62 10.10
CA LYS A 313 -17.86 9.27 10.58
C LYS A 313 -18.35 9.04 12.01
N VAL A 314 -18.56 7.77 12.37
CA VAL A 314 -18.83 7.29 13.76
C VAL A 314 -18.04 5.99 13.95
N VAL A 315 -17.46 5.75 15.13
CA VAL A 315 -16.47 4.66 15.36
C VAL A 315 -16.64 4.05 16.76
N ARG A 316 -16.38 2.74 16.88
CA ARG A 316 -16.26 1.99 18.16
C ARG A 316 -14.78 1.96 18.59
N VAL A 317 -14.50 2.06 19.89
CA VAL A 317 -13.12 2.15 20.47
C VAL A 317 -13.09 1.40 21.81
N GLN A 318 -12.16 0.45 21.99
CA GLN A 318 -11.92 -0.27 23.26
C GLN A 318 -10.99 0.57 24.16
N ARG A 319 -11.46 0.93 25.35
CA ARG A 319 -10.70 1.67 26.40
C ARG A 319 -10.74 0.88 27.69
N PRO A 320 -9.58 0.54 28.30
CA PRO A 320 -9.53 -0.40 29.43
C PRO A 320 -9.89 0.13 30.83
N THR A 321 -10.10 1.44 30.97
CA THR A 321 -10.41 2.13 32.25
C THR A 321 -11.82 1.74 32.72
N THR A 325 -12.86 -2.31 30.96
CA THR A 325 -12.92 -2.14 29.49
C THR A 325 -14.32 -1.68 29.09
N VAL A 326 -14.47 -0.40 28.70
CA VAL A 326 -15.69 0.11 27.99
C VAL A 326 -15.39 0.11 26.49
N MET A 327 -16.44 0.07 25.68
CA MET A 327 -16.43 0.45 24.25
C MET A 327 -16.92 1.89 24.15
N ASP A 328 -16.09 2.79 23.62
CA ASP A 328 -16.40 4.24 23.41
C ASP A 328 -16.98 4.44 22.02
N ILE A 329 -18.05 5.23 21.91
CA ILE A 329 -18.72 5.60 20.62
C ILE A 329 -18.41 7.08 20.36
N ILE A 330 -17.58 7.35 19.35
CA ILE A 330 -17.00 8.69 19.04
C ILE A 330 -17.27 9.01 17.56
N SER A 331 -17.24 10.29 17.20
CA SER A 331 -17.49 10.78 15.82
C SER A 331 -16.53 11.92 15.46
N ARG A 332 -16.25 12.07 14.17
CA ARG A 332 -15.47 13.19 13.58
C ARG A 332 -15.75 13.24 12.08
N ARG A 333 -15.50 14.38 11.46
CA ARG A 333 -15.81 14.65 10.03
C ARG A 333 -14.55 14.41 9.17
N ASP A 334 -13.40 14.94 9.61
CA ASP A 334 -12.12 14.98 8.85
C ASP A 334 -11.33 13.66 9.06
N GLN A 335 -10.17 13.56 8.39
CA GLN A 335 -9.19 12.43 8.46
C GLN A 335 -9.66 11.27 7.58
N ARG A 336 -8.76 10.34 7.29
CA ARG A 336 -9.03 9.20 6.39
C ARG A 336 -9.45 7.99 7.21
N GLY A 337 -10.62 7.43 6.86
CA GLY A 337 -11.19 6.20 7.46
C GLY A 337 -12.09 5.49 6.48
N SER A 338 -11.51 4.66 5.61
CA SER A 338 -12.19 3.87 4.55
C SER A 338 -11.58 2.47 4.50
N GLY A 339 -11.99 1.64 3.53
CA GLY A 339 -11.30 0.38 3.24
C GLY A 339 -9.90 0.70 2.75
N GLN A 340 -8.93 -0.15 3.03
CA GLN A 340 -7.52 0.11 2.67
C GLN A 340 -7.45 0.39 1.16
N VAL A 341 -8.32 -0.20 0.34
CA VAL A 341 -8.16 -0.14 -1.15
C VAL A 341 -8.74 1.18 -1.67
N VAL A 342 -9.91 1.61 -1.20
CA VAL A 342 -10.36 2.99 -1.56
C VAL A 342 -9.42 4.03 -0.92
N THR A 343 -8.90 3.80 0.29
CA THR A 343 -7.90 4.71 0.92
C THR A 343 -6.67 4.89 0.00
N TYR A 344 -6.16 3.82 -0.60
CA TYR A 344 -5.00 3.90 -1.52
C TYR A 344 -5.33 4.89 -2.64
N GLY A 345 -6.48 4.67 -3.32
CA GLY A 345 -6.81 5.44 -4.54
C GLY A 345 -7.00 6.92 -4.22
N LEU A 346 -7.73 7.22 -3.15
CA LEU A 346 -8.01 8.62 -2.75
C LEU A 346 -6.74 9.27 -2.18
N ASN A 347 -5.89 8.54 -1.45
CA ASN A 347 -4.54 9.02 -1.07
C ASN A 347 -3.73 9.39 -2.33
N THR A 348 -3.70 8.54 -3.34
CA THR A 348 -2.91 8.82 -4.58
C THR A 348 -3.45 10.12 -5.22
N PHE A 349 -4.77 10.24 -5.36
CA PHE A 349 -5.46 11.40 -5.98
C PHE A 349 -5.03 12.69 -5.27
N THR A 350 -5.27 12.78 -3.96
CA THR A 350 -5.04 13.98 -3.15
C THR A 350 -3.51 14.29 -3.11
N ASN A 351 -2.66 13.25 -3.00
CA ASN A 351 -1.19 13.40 -3.09
C ASN A 351 -0.83 13.96 -4.46
N MET A 352 -1.40 13.46 -5.53
CA MET A 352 -1.09 13.97 -6.89
C MET A 352 -1.47 15.48 -6.96
N GLU A 353 -2.60 15.84 -6.37
CA GLU A 353 -3.15 17.23 -6.35
C GLU A 353 -2.16 18.13 -5.59
N ALA A 354 -1.86 17.75 -4.36
CA ALA A 354 -0.88 18.45 -3.51
C ALA A 354 0.47 18.65 -4.20
N GLN A 355 1.04 17.61 -4.84
CA GLN A 355 2.36 17.74 -5.48
C GLN A 355 2.27 18.66 -6.71
N LEU A 356 1.18 18.69 -7.47
CA LEU A 356 1.04 19.62 -8.66
C LEU A 356 1.01 21.06 -8.11
N ILE A 357 0.32 21.29 -7.00
CA ILE A 357 0.23 22.64 -6.40
C ILE A 357 1.61 23.06 -5.88
N ARG A 358 2.38 22.15 -5.25
CA ARG A 358 3.75 22.51 -4.81
C ARG A 358 4.62 22.84 -6.02
N GLN A 359 4.50 22.09 -7.11
CA GLN A 359 5.22 22.42 -8.36
C GLN A 359 4.74 23.83 -8.85
N MET A 360 3.45 24.16 -8.72
CA MET A 360 2.92 25.51 -9.14
C MET A 360 3.64 26.60 -8.32
N GLU A 361 3.71 26.43 -6.99
CA GLU A 361 4.37 27.35 -6.03
C GLU A 361 5.83 27.50 -6.41
N GLY A 362 6.54 26.41 -6.69
CA GLY A 362 7.95 26.46 -7.13
C GLY A 362 8.14 27.26 -8.42
N GLU A 363 7.25 27.10 -9.39
CA GLU A 363 7.32 27.80 -10.69
C GLU A 363 6.72 29.22 -10.54
N GLY A 364 6.23 29.62 -9.38
CA GLY A 364 5.63 30.96 -9.23
C GLY A 364 4.43 31.20 -10.14
N VAL A 365 3.49 30.25 -10.23
CA VAL A 365 2.22 30.45 -10.98
C VAL A 365 1.30 31.29 -10.09
N PHE A 366 1.46 31.20 -8.78
CA PHE A 366 0.70 32.02 -7.81
C PHE A 366 1.68 32.59 -6.77
N LYS A 367 1.33 33.69 -6.12
CA LYS A 367 2.29 34.35 -5.19
C LYS A 367 1.84 34.19 -3.74
N SER A 368 0.53 34.07 -3.47
CA SER A 368 0.07 34.02 -2.06
C SER A 368 -1.04 32.98 -1.86
N ILE A 369 -0.94 32.19 -0.81
CA ILE A 369 -2.00 31.17 -0.49
C ILE A 369 -3.15 31.89 0.23
N GLN A 370 -2.93 33.14 0.65
CA GLN A 370 -3.96 33.89 1.43
C GLN A 370 -5.15 34.20 0.52
N HIS A 371 -4.88 34.60 -0.72
CA HIS A 371 -5.96 34.94 -1.67
C HIS A 371 -5.45 34.82 -3.11
N LEU A 372 -6.27 34.25 -3.99
CA LEU A 372 -5.88 34.14 -5.43
C LEU A 372 -6.63 35.22 -6.22
N THR A 373 -5.90 36.00 -7.01
CA THR A 373 -6.52 37.03 -7.87
C THR A 373 -7.32 36.35 -8.98
N VAL A 374 -8.26 37.07 -9.59
CA VAL A 374 -9.03 36.50 -10.74
C VAL A 374 -8.03 36.02 -11.80
N THR A 375 -6.97 36.80 -12.04
CA THR A 375 -6.02 36.42 -13.11
C THR A 375 -5.00 35.38 -12.61
N GLU A 376 -5.03 35.04 -11.31
CA GLU A 376 -4.21 33.95 -10.71
C GLU A 376 -5.02 32.65 -10.66
N GLU A 377 -6.23 32.68 -11.22
CA GLU A 377 -7.03 31.43 -11.38
C GLU A 377 -6.94 31.07 -12.86
N ILE A 378 -7.09 32.07 -13.73
CA ILE A 378 -6.94 31.88 -15.21
C ILE A 378 -5.54 31.32 -15.50
N ALA A 379 -4.51 31.79 -14.78
CA ALA A 379 -3.11 31.33 -15.00
C ALA A 379 -2.89 29.89 -14.45
N VAL A 380 -3.43 29.55 -13.28
CA VAL A 380 -3.41 28.18 -12.69
C VAL A 380 -4.07 27.23 -13.70
N LYS A 381 -5.26 27.60 -14.18
CA LYS A 381 -6.07 26.83 -15.16
C LYS A 381 -5.27 26.66 -16.46
N ASN A 382 -4.66 27.74 -16.97
CA ASN A 382 -3.83 27.71 -18.20
C ASN A 382 -2.65 26.76 -17.99
N TRP A 383 -1.98 26.86 -16.84
CA TRP A 383 -0.83 25.98 -16.47
C TRP A 383 -1.28 24.51 -16.59
N LEU A 384 -2.38 24.13 -15.92
CA LEU A 384 -2.89 22.75 -15.92
C LEU A 384 -3.14 22.27 -17.36
N VAL A 385 -3.76 23.12 -18.19
CA VAL A 385 -4.16 22.78 -19.58
C VAL A 385 -2.92 22.66 -20.44
N ARG A 386 -1.95 23.53 -20.19
CA ARG A 386 -0.72 23.72 -21.00
C ARG A 386 0.34 22.67 -20.63
N VAL A 387 0.58 22.46 -19.32
CA VAL A 387 1.73 21.61 -18.85
C VAL A 387 1.33 20.53 -17.84
N GLY A 388 0.05 20.45 -17.44
CA GLY A 388 -0.44 19.59 -16.34
C GLY A 388 0.00 18.14 -16.54
N ARG A 389 -0.21 17.63 -17.73
CA ARG A 389 0.10 16.22 -18.07
C ARG A 389 1.62 16.07 -18.00
N GLU A 390 2.39 17.04 -18.49
CA GLU A 390 3.88 16.92 -18.43
C GLU A 390 4.33 16.89 -16.95
N ARG A 391 3.69 17.67 -16.08
CA ARG A 391 4.09 17.78 -14.68
C ARG A 391 3.68 16.50 -13.96
N LEU A 392 2.60 15.81 -14.37
CA LEU A 392 2.18 14.54 -13.69
C LEU A 392 3.23 13.48 -14.02
N SER A 393 3.77 13.53 -15.23
CA SER A 393 4.75 12.55 -15.73
C SER A 393 6.08 12.70 -15.01
N ARG A 394 6.32 13.80 -14.29
CA ARG A 394 7.56 14.04 -13.51
C ARG A 394 7.43 13.43 -12.13
N MET A 395 6.36 12.71 -11.88
CA MET A 395 6.12 12.13 -10.53
C MET A 395 5.88 10.60 -10.56
N ALA A 396 6.25 9.93 -9.48
CA ALA A 396 5.82 8.56 -9.16
C ALA A 396 5.09 8.64 -7.81
N ILE A 397 3.80 8.30 -7.75
CA ILE A 397 2.96 8.45 -6.54
C ILE A 397 2.25 7.14 -6.23
N SER A 398 2.43 6.65 -5.01
CA SER A 398 1.77 5.45 -4.48
C SER A 398 1.14 5.78 -3.15
N GLY A 399 -0.16 6.09 -3.17
CA GLY A 399 -0.83 6.62 -1.96
C GLY A 399 -0.10 7.83 -1.37
N ASP A 400 0.27 7.75 -0.08
CA ASP A 400 0.93 8.90 0.61
C ASP A 400 2.39 8.99 0.21
N ASP A 401 2.88 8.08 -0.61
CA ASP A 401 4.34 8.01 -0.88
C ASP A 401 4.57 8.65 -2.25
N CYS A 402 5.53 9.55 -2.38
CA CYS A 402 5.83 10.25 -3.66
C CYS A 402 7.33 10.45 -3.92
N VAL A 403 7.66 10.48 -5.22
CA VAL A 403 8.93 10.97 -5.79
C VAL A 403 8.56 12.05 -6.82
N VAL A 404 9.12 13.25 -6.72
CA VAL A 404 8.90 14.36 -7.70
C VAL A 404 10.23 14.82 -8.28
N LYS A 405 10.34 14.88 -9.59
CA LYS A 405 11.46 15.59 -10.26
C LYS A 405 10.92 16.89 -10.86
N PRO A 406 10.95 18.00 -10.10
CA PRO A 406 10.44 19.27 -10.61
C PRO A 406 11.35 19.90 -11.68
N LEU A 407 10.81 20.94 -12.31
CA LEU A 407 11.50 21.76 -13.33
C LEU A 407 12.87 22.21 -12.81
N ASP A 408 13.00 22.59 -11.53
CA ASP A 408 14.28 23.10 -10.96
C ASP A 408 14.20 23.00 -9.44
N ASP A 409 15.18 23.51 -8.69
CA ASP A 409 15.27 23.31 -7.23
C ASP A 409 14.51 24.39 -6.44
N ARG A 410 13.76 25.28 -7.09
CA ARG A 410 12.91 26.27 -6.35
C ARG A 410 11.88 25.50 -5.55
N PHE A 411 11.44 24.34 -6.07
CA PHE A 411 10.52 23.35 -5.43
C PHE A 411 10.92 23.12 -3.98
N ALA A 412 12.22 23.00 -3.70
CA ALA A 412 12.76 22.63 -2.36
C ALA A 412 12.30 23.58 -1.26
N SER A 413 12.19 24.88 -1.56
CA SER A 413 11.77 25.93 -0.59
C SER A 413 10.31 26.37 -0.82
N ALA A 414 9.55 25.75 -1.73
CA ALA A 414 8.12 26.10 -1.97
C ALA A 414 7.26 25.33 -0.97
N LEU A 415 6.99 25.88 0.22
CA LEU A 415 6.45 25.11 1.39
C LEU A 415 5.10 25.65 1.89
N THR A 416 4.61 26.78 1.37
CA THR A 416 3.48 27.49 2.04
C THR A 416 2.19 26.74 1.75
N ALA A 417 1.92 26.40 0.48
CA ALA A 417 0.71 25.62 0.11
C ALA A 417 0.76 24.26 0.83
N LEU A 418 1.92 23.56 0.75
CA LEU A 418 2.08 22.19 1.29
C LEU A 418 1.81 22.20 2.79
N ASN A 419 2.38 23.16 3.52
CA ASN A 419 2.15 23.26 4.99
C ASN A 419 0.67 23.59 5.25
N ASP A 420 0.11 24.59 4.55
CA ASP A 420 -1.26 25.07 4.78
C ASP A 420 -2.31 24.02 4.39
N MET A 421 -2.06 23.16 3.39
CA MET A 421 -2.96 21.99 3.10
C MET A 421 -2.91 20.99 4.25
N GLY A 422 -1.97 21.13 5.19
CA GLY A 422 -1.76 20.22 6.35
C GLY A 422 -0.86 19.04 6.06
N LYS A 423 -0.23 18.97 4.87
CA LYS A 423 0.69 17.85 4.47
C LYS A 423 2.12 18.17 4.94
N VAL A 424 2.25 18.29 6.26
CA VAL A 424 3.51 18.62 6.99
C VAL A 424 4.50 17.46 6.83
N ARG A 425 5.72 17.80 6.39
CA ARG A 425 6.81 16.85 6.09
C ARG A 425 7.30 16.26 7.41
N LYS A 426 7.68 14.98 7.39
CA LYS A 426 8.15 14.20 8.57
C LYS A 426 9.66 14.35 8.75
N ASP A 427 10.11 14.78 9.93
CA ASP A 427 11.53 14.81 10.37
C ASP A 427 12.31 15.83 9.55
N ILE A 428 11.80 17.06 9.51
CA ILE A 428 12.47 18.28 8.98
C ILE A 428 11.65 19.49 9.46
N GLN A 429 12.30 20.51 10.02
CA GLN A 429 11.59 21.70 10.58
C GLN A 429 10.71 22.30 9.49
N GLN A 430 9.55 22.82 9.91
CA GLN A 430 8.39 23.12 9.04
C GLN A 430 8.81 24.04 7.88
N TRP A 431 9.76 24.96 8.11
CA TRP A 431 10.16 25.95 7.07
C TRP A 431 11.54 25.70 6.45
N GLU A 432 12.19 24.59 6.84
CA GLU A 432 13.54 24.19 6.36
C GLU A 432 13.40 23.58 4.97
N PRO A 433 14.16 24.04 3.95
CA PRO A 433 13.99 23.52 2.59
C PRO A 433 14.23 22.02 2.46
N SER A 434 13.51 21.34 1.54
CA SER A 434 13.65 19.90 1.33
C SER A 434 15.06 19.65 0.79
N ARG A 435 15.64 18.49 1.13
CA ARG A 435 16.94 18.00 0.60
C ARG A 435 16.66 16.94 -0.46
N GLY A 436 17.09 17.18 -1.72
CA GLY A 436 16.79 16.28 -2.85
C GLY A 436 17.86 15.23 -3.05
N TRP A 437 17.60 14.25 -3.89
CA TRP A 437 18.58 13.22 -4.26
C TRP A 437 19.12 13.54 -5.66
N ASN A 438 20.42 13.39 -5.84
CA ASN A 438 21.10 13.64 -7.13
C ASN A 438 21.10 12.40 -7.98
N ASP A 439 20.84 11.23 -7.41
CA ASP A 439 20.98 9.94 -8.15
C ASP A 439 19.72 9.10 -7.91
N TRP A 440 19.01 8.72 -8.97
CA TRP A 440 17.74 7.95 -8.91
C TRP A 440 17.98 6.63 -8.18
N THR A 441 19.21 6.12 -8.16
CA THR A 441 19.54 4.84 -7.47
C THR A 441 19.60 5.00 -5.94
N GLN A 442 19.47 6.22 -5.44
CA GLN A 442 19.53 6.54 -3.98
C GLN A 442 18.15 6.92 -3.43
N VAL A 443 17.20 7.24 -4.32
CA VAL A 443 15.83 7.70 -3.92
C VAL A 443 15.06 6.58 -3.21
N PRO A 444 14.45 6.81 -2.02
CA PRO A 444 13.55 5.83 -1.41
C PRO A 444 12.19 5.92 -2.09
N PHE A 445 11.54 4.79 -2.32
CA PHE A 445 10.15 4.72 -2.82
C PHE A 445 9.58 3.37 -2.45
N CYS A 446 8.38 3.33 -1.87
CA CYS A 446 7.66 2.08 -1.52
C CYS A 446 8.56 1.14 -0.71
N SER A 447 9.32 1.69 0.24
CA SER A 447 10.17 0.96 1.21
C SER A 447 11.41 0.33 0.53
N HIS A 448 11.73 0.73 -0.71
CA HIS A 448 12.87 0.19 -1.50
C HIS A 448 13.82 1.29 -2.03
N HIS A 449 14.98 0.85 -2.55
CA HIS A 449 15.80 1.62 -3.51
C HIS A 449 16.08 0.68 -4.68
N PHE A 450 16.68 1.19 -5.73
CA PHE A 450 16.77 0.45 -7.00
C PHE A 450 18.21 0.53 -7.49
N HIS A 451 18.72 -0.63 -7.93
CA HIS A 451 20.06 -0.77 -8.51
C HIS A 451 19.96 -0.97 -10.01
N GLU A 452 20.97 -0.49 -10.74
CA GLU A 452 21.20 -0.82 -12.16
C GLU A 452 22.22 -1.96 -12.23
N LEU A 453 21.85 -3.09 -12.84
CA LEU A 453 22.64 -4.33 -12.79
C LEU A 453 22.82 -4.79 -14.23
N ILE A 454 24.08 -4.81 -14.69
CA ILE A 454 24.37 -5.17 -16.11
C ILE A 454 24.63 -6.68 -16.17
N MET A 455 23.92 -7.36 -17.06
CA MET A 455 24.11 -8.83 -17.27
C MET A 455 25.34 -9.07 -18.16
N LYS A 456 26.00 -10.21 -17.98
N LYS A 456 25.99 -10.21 -17.97
CA LYS A 456 27.18 -10.65 -18.77
CA LYS A 456 27.16 -10.68 -18.76
C LYS A 456 26.94 -10.40 -20.26
C LYS A 456 26.94 -10.39 -20.25
N ASP A 457 25.70 -10.47 -20.73
CA ASP A 457 25.35 -10.20 -22.17
C ASP A 457 25.03 -8.72 -22.47
N GLY A 458 25.25 -7.82 -21.51
CA GLY A 458 25.10 -6.36 -21.68
C GLY A 458 23.67 -5.88 -21.51
N ARG A 459 22.68 -6.74 -21.31
CA ARG A 459 21.31 -6.21 -21.12
C ARG A 459 21.23 -5.62 -19.68
N VAL A 460 20.34 -4.65 -19.50
CA VAL A 460 20.26 -3.85 -18.24
C VAL A 460 19.05 -4.25 -17.44
N LEU A 461 19.27 -4.68 -16.19
CA LEU A 461 18.19 -4.92 -15.20
C LEU A 461 18.15 -3.74 -14.22
N VAL A 462 16.96 -3.29 -13.86
CA VAL A 462 16.77 -2.32 -12.75
C VAL A 462 15.96 -3.05 -11.70
N VAL A 463 16.61 -3.33 -10.58
CA VAL A 463 16.16 -4.33 -9.58
C VAL A 463 15.78 -3.60 -8.29
N PRO A 464 14.77 -4.12 -7.57
CA PRO A 464 14.39 -3.55 -6.28
C PRO A 464 15.25 -4.09 -5.17
N CYS A 465 15.43 -3.32 -4.09
CA CYS A 465 16.37 -3.71 -3.00
C CYS A 465 15.95 -3.04 -1.68
N ARG A 466 16.21 -3.68 -0.54
CA ARG A 466 16.18 -2.99 0.75
C ARG A 466 17.06 -3.76 1.72
N ASN A 467 17.29 -3.19 2.89
CA ASN A 467 18.22 -3.79 3.87
C ASN A 467 17.78 -5.24 4.07
N GLN A 468 18.72 -6.16 3.97
CA GLN A 468 18.39 -7.60 3.97
C GLN A 468 17.87 -8.07 5.33
N ASP A 469 18.22 -7.38 6.40
CA ASP A 469 17.64 -7.74 7.74
C ASP A 469 16.11 -7.61 7.69
N GLU A 470 15.58 -6.60 7.00
CA GLU A 470 14.13 -6.34 6.88
C GLU A 470 13.46 -7.49 6.12
N LEU A 471 14.07 -7.95 5.03
CA LEU A 471 13.56 -9.06 4.19
C LEU A 471 13.52 -10.38 4.97
N ILE A 472 14.61 -10.71 5.64
CA ILE A 472 14.68 -11.99 6.41
C ILE A 472 13.74 -11.91 7.61
N GLY A 473 13.72 -10.79 8.31
CA GLY A 473 12.86 -10.63 9.51
C GLY A 473 11.36 -10.77 9.21
N ARG A 474 10.90 -10.24 8.06
CA ARG A 474 9.48 -10.34 7.60
C ARG A 474 9.15 -11.78 7.22
N ALA A 475 10.03 -12.45 6.48
CA ALA A 475 9.79 -13.86 6.02
C ALA A 475 9.73 -14.81 7.24
N ARG A 476 10.30 -14.45 8.39
CA ARG A 476 10.26 -15.29 9.62
C ARG A 476 8.97 -15.09 10.41
N ILE A 477 8.06 -14.27 9.92
CA ILE A 477 6.84 -13.95 10.69
C ILE A 477 5.62 -14.46 9.91
N SER A 478 4.70 -15.07 10.64
N SER A 478 4.69 -15.11 10.62
CA SER A 478 3.34 -15.47 10.17
CA SER A 478 3.34 -15.44 10.11
C SER A 478 2.28 -14.66 10.94
C SER A 478 2.28 -14.69 10.93
N GLN A 479 1.18 -14.31 10.28
CA GLN A 479 0.02 -13.65 10.95
C GLN A 479 -1.05 -14.74 11.12
N GLY A 480 -1.57 -14.88 12.36
CA GLY A 480 -2.74 -15.73 12.66
C GLY A 480 -2.36 -17.02 13.37
N ALA A 481 -3.41 -17.73 13.83
CA ALA A 481 -3.39 -18.99 14.57
C ALA A 481 -3.90 -20.12 13.66
N GLY A 482 -3.66 -21.37 14.06
CA GLY A 482 -4.23 -22.58 13.44
C GLY A 482 -3.44 -22.99 12.22
N TRP A 483 -2.20 -22.49 12.06
CA TRP A 483 -1.35 -22.90 10.92
C TRP A 483 -0.87 -24.36 11.11
N SER A 484 -1.26 -25.23 10.20
CA SER A 484 -0.65 -26.56 10.08
C SER A 484 0.83 -26.41 9.65
N LEU A 485 1.62 -27.50 9.74
CA LEU A 485 3.02 -27.53 9.24
C LEU A 485 3.02 -27.28 7.74
N ARG A 486 2.07 -27.87 7.02
CA ARG A 486 1.96 -27.75 5.54
C ARG A 486 1.67 -26.29 5.18
N GLU A 487 0.76 -25.63 5.88
CA GLU A 487 0.42 -24.21 5.57
C GLU A 487 1.65 -23.32 5.86
N THR A 488 2.37 -23.59 6.95
CA THR A 488 3.59 -22.81 7.35
C THR A 488 4.65 -22.99 6.26
N ALA A 489 4.83 -24.22 5.77
CA ALA A 489 5.79 -24.53 4.71
C ALA A 489 5.42 -23.77 3.42
N CYS A 490 4.12 -23.71 3.07
CA CYS A 490 3.65 -23.08 1.80
C CYS A 490 3.82 -21.55 1.90
N LEU A 491 3.66 -20.96 3.08
CA LEU A 491 3.99 -19.52 3.27
C LEU A 491 5.52 -19.29 3.13
N GLY A 492 6.35 -20.15 3.72
CA GLY A 492 7.79 -20.08 3.48
C GLY A 492 8.12 -20.03 1.99
N LYS A 493 7.47 -20.88 1.21
CA LYS A 493 7.76 -21.07 -0.24
C LYS A 493 7.35 -19.80 -0.99
N SER A 494 6.25 -19.16 -0.60
CA SER A 494 5.82 -17.85 -1.17
C SER A 494 6.95 -16.84 -0.98
N TYR A 495 7.53 -16.70 0.22
CA TYR A 495 8.68 -15.78 0.48
C TYR A 495 9.86 -16.14 -0.42
N ALA A 496 10.22 -17.44 -0.43
CA ALA A 496 11.34 -17.96 -1.23
C ALA A 496 11.11 -17.60 -2.70
N GLN A 497 9.94 -17.86 -3.25
CA GLN A 497 9.74 -17.56 -4.72
C GLN A 497 9.74 -16.03 -4.93
N MET A 498 9.26 -15.24 -3.96
CA MET A 498 9.37 -13.77 -4.12
C MET A 498 10.86 -13.39 -4.21
N TRP A 499 11.67 -13.93 -3.31
CA TRP A 499 13.10 -13.60 -3.27
C TRP A 499 13.78 -14.00 -4.60
N SER A 500 13.45 -15.17 -5.15
N SER A 500 13.46 -15.17 -5.17
CA SER A 500 14.00 -15.67 -6.43
CA SER A 500 14.07 -15.63 -6.44
C SER A 500 13.64 -14.71 -7.57
C SER A 500 13.63 -14.73 -7.60
N LEU A 501 12.46 -14.10 -7.53
CA LEU A 501 11.98 -13.19 -8.62
C LEU A 501 12.43 -11.73 -8.50
N MET A 502 12.46 -11.19 -7.28
CA MET A 502 12.67 -9.75 -7.02
C MET A 502 14.09 -9.52 -6.49
N TYR A 503 14.63 -10.42 -5.66
CA TYR A 503 15.86 -10.18 -4.87
C TYR A 503 16.95 -11.22 -5.21
N PHE A 504 16.93 -11.78 -6.44
CA PHE A 504 17.84 -12.83 -6.94
C PHE A 504 19.31 -12.34 -6.88
N HIS A 505 19.47 -11.02 -6.96
CA HIS A 505 20.77 -10.29 -7.00
C HIS A 505 21.44 -10.24 -5.62
N ARG A 506 20.77 -10.67 -4.55
CA ARG A 506 21.32 -10.70 -3.17
C ARG A 506 21.78 -12.17 -2.95
N ARG A 507 23.08 -12.39 -2.74
CA ARG A 507 23.70 -13.73 -2.61
C ARG A 507 22.97 -14.56 -1.54
N ASP A 508 22.74 -13.97 -0.36
CA ASP A 508 22.12 -14.71 0.76
C ASP A 508 20.67 -15.10 0.42
N LEU A 509 19.94 -14.27 -0.34
CA LEU A 509 18.49 -14.54 -0.58
C LEU A 509 18.35 -15.56 -1.71
N ARG A 510 19.25 -15.62 -2.69
CA ARG A 510 19.09 -16.64 -3.76
C ARG A 510 19.37 -18.02 -3.14
N LEU A 511 20.35 -18.08 -2.24
CA LEU A 511 20.78 -19.34 -1.62
C LEU A 511 19.66 -19.78 -0.70
N ALA A 512 19.15 -18.91 0.16
CA ALA A 512 18.09 -19.31 1.12
C ALA A 512 16.80 -19.66 0.37
N ALA A 513 16.45 -18.93 -0.69
CA ALA A 513 15.27 -19.22 -1.53
C ALA A 513 15.39 -20.63 -2.07
N ASN A 514 16.56 -20.94 -2.66
CA ASN A 514 16.82 -22.30 -3.21
C ASN A 514 16.69 -23.33 -2.09
N ALA A 515 17.27 -23.06 -0.93
CA ALA A 515 17.20 -23.99 0.22
C ALA A 515 15.73 -24.22 0.65
N ILE A 516 14.90 -23.18 0.75
CA ILE A 516 13.49 -23.35 1.20
C ILE A 516 12.72 -24.12 0.09
N CYS A 517 12.88 -23.77 -1.20
CA CYS A 517 12.18 -24.50 -2.29
C CYS A 517 12.66 -25.95 -2.38
N SER A 518 13.84 -26.25 -1.85
CA SER A 518 14.39 -27.62 -1.81
C SER A 518 13.77 -28.38 -0.63
N ALA A 519 13.35 -27.67 0.42
CA ALA A 519 12.94 -28.25 1.72
C ALA A 519 11.43 -28.47 1.79
N VAL A 520 10.68 -27.76 0.98
CA VAL A 520 9.21 -27.83 0.85
C VAL A 520 8.90 -28.71 -0.38
N PRO A 521 7.92 -29.63 -0.26
CA PRO A 521 7.58 -30.52 -1.38
C PRO A 521 7.34 -29.74 -2.68
N SER A 522 7.94 -30.25 -3.76
N SER A 522 7.91 -30.27 -3.77
CA SER A 522 8.02 -29.63 -5.10
CA SER A 522 8.02 -29.61 -5.09
C SER A 522 6.64 -29.14 -5.55
C SER A 522 6.65 -29.15 -5.57
N HIS A 523 5.59 -29.94 -5.36
CA HIS A 523 4.22 -29.65 -5.88
C HIS A 523 3.34 -28.87 -4.90
N TRP A 524 3.71 -28.70 -3.62
CA TRP A 524 2.88 -27.89 -2.67
C TRP A 524 2.76 -26.43 -3.13
N VAL A 525 1.56 -25.87 -3.03
CA VAL A 525 1.23 -24.55 -3.65
C VAL A 525 1.56 -23.44 -2.65
N PRO A 526 2.32 -22.40 -3.08
CA PRO A 526 2.52 -21.21 -2.24
C PRO A 526 1.21 -20.53 -1.82
N THR A 527 1.09 -20.13 -0.55
CA THR A 527 -0.08 -19.44 0.06
C THR A 527 0.33 -18.18 0.79
N SER A 528 -0.68 -17.36 1.09
CA SER A 528 -0.61 -16.09 1.86
C SER A 528 -2.02 -15.72 2.31
N ARG A 529 -2.21 -15.37 3.59
CA ARG A 529 -3.55 -15.02 4.16
C ARG A 529 -3.91 -13.55 3.88
N ALA A 536 0.78 -3.59 -6.62
CA ALA A 536 1.82 -4.52 -7.11
C ALA A 536 1.20 -5.83 -7.65
N THR A 537 2.02 -6.67 -8.29
CA THR A 537 1.62 -7.91 -9.00
C THR A 537 2.48 -9.07 -8.46
N HIS A 538 1.82 -10.16 -8.03
N HIS A 538 1.81 -10.16 -8.06
CA HIS A 538 2.46 -11.28 -7.28
CA HIS A 538 2.39 -11.31 -7.29
C HIS A 538 2.72 -12.47 -8.21
C HIS A 538 2.71 -12.48 -8.24
N GLU A 539 3.67 -12.30 -9.15
CA GLU A 539 4.05 -13.35 -10.14
C GLU A 539 4.70 -14.57 -9.48
N TRP A 540 5.17 -14.48 -8.23
CA TRP A 540 5.78 -15.62 -7.53
C TRP A 540 4.70 -16.57 -6.98
N MET A 541 3.43 -16.18 -6.99
CA MET A 541 2.34 -17.02 -6.41
C MET A 541 1.90 -18.01 -7.50
N THR A 542 2.62 -19.12 -7.65
CA THR A 542 2.56 -20.05 -8.82
C THR A 542 3.37 -21.30 -8.51
N THR A 543 3.04 -22.41 -9.18
CA THR A 543 3.77 -23.71 -9.10
C THR A 543 4.61 -23.91 -10.35
N GLU A 544 4.54 -22.99 -11.31
CA GLU A 544 5.43 -22.95 -12.50
C GLU A 544 6.89 -22.77 -12.06
N ASP A 545 7.80 -23.22 -12.91
CA ASP A 545 9.26 -23.24 -12.68
C ASP A 545 9.70 -21.78 -12.50
N MET A 546 10.54 -21.46 -11.50
CA MET A 546 10.86 -20.01 -11.24
C MET A 546 11.76 -19.45 -12.34
N LEU A 547 12.56 -20.26 -13.04
CA LEU A 547 13.36 -19.68 -14.16
C LEU A 547 12.43 -19.25 -15.28
N THR A 548 11.32 -19.97 -15.55
CA THR A 548 10.38 -19.61 -16.66
C THR A 548 9.65 -18.30 -16.30
N VAL A 549 9.16 -18.20 -15.08
CA VAL A 549 8.58 -16.95 -14.52
C VAL A 549 9.61 -15.80 -14.62
N TRP A 550 10.85 -16.01 -14.19
CA TRP A 550 11.93 -14.95 -14.29
C TRP A 550 12.02 -14.47 -15.73
N ASN A 551 12.10 -15.39 -16.69
CA ASN A 551 12.21 -15.01 -18.12
C ASN A 551 10.99 -14.19 -18.54
N ARG A 552 9.79 -14.62 -18.17
CA ARG A 552 8.54 -13.89 -18.58
C ARG A 552 8.60 -12.43 -18.05
N VAL A 553 8.94 -12.26 -16.76
CA VAL A 553 8.85 -10.97 -16.01
C VAL A 553 9.99 -10.04 -16.45
N TRP A 554 11.23 -10.52 -16.51
CA TRP A 554 12.41 -9.65 -16.66
C TRP A 554 12.77 -9.49 -18.12
N ILE A 555 12.34 -10.41 -19.02
CA ILE A 555 12.76 -10.37 -20.46
C ILE A 555 11.49 -10.17 -21.31
N GLN A 556 10.61 -11.19 -21.37
CA GLN A 556 9.53 -11.29 -22.39
C GLN A 556 8.63 -10.06 -22.26
N GLU A 557 8.09 -9.81 -21.07
CA GLU A 557 7.04 -8.78 -20.83
C GLU A 557 7.67 -7.43 -20.41
N ASN A 558 9.00 -7.29 -20.41
CA ASN A 558 9.71 -6.09 -19.87
C ASN A 558 9.81 -5.07 -20.99
N PRO A 559 9.03 -3.97 -20.97
CA PRO A 559 9.09 -3.01 -22.06
C PRO A 559 10.43 -2.27 -22.20
N TRP A 560 11.31 -2.34 -21.20
CA TRP A 560 12.63 -1.64 -21.26
C TRP A 560 13.75 -2.52 -21.89
N MET A 561 13.46 -3.75 -22.32
CA MET A 561 14.44 -4.78 -22.78
C MET A 561 14.13 -5.01 -24.26
N GLU A 562 14.97 -4.53 -25.16
CA GLU A 562 14.70 -4.68 -26.62
C GLU A 562 15.01 -6.12 -27.06
N ASP A 563 16.12 -6.70 -26.62
CA ASP A 563 16.54 -8.07 -26.98
C ASP A 563 15.79 -9.10 -26.12
N LYS A 564 15.02 -9.99 -26.75
CA LYS A 564 14.06 -10.89 -26.04
C LYS A 564 14.68 -12.29 -25.89
N THR A 565 16.00 -12.42 -26.02
CA THR A 565 16.70 -13.74 -25.95
C THR A 565 16.50 -14.36 -24.58
N PRO A 566 15.86 -15.54 -24.44
CA PRO A 566 15.58 -16.10 -23.11
C PRO A 566 16.89 -16.41 -22.39
N VAL A 567 16.87 -16.34 -21.08
CA VAL A 567 18.00 -16.80 -20.24
C VAL A 567 17.78 -18.31 -20.05
N GLU A 568 18.85 -19.11 -20.15
CA GLU A 568 18.80 -20.61 -20.19
C GLU A 568 19.12 -21.21 -18.81
N SER A 569 19.79 -20.49 -17.92
CA SER A 569 20.06 -20.97 -16.55
C SER A 569 20.19 -19.80 -15.57
N TRP A 570 20.10 -20.13 -14.31
CA TRP A 570 20.23 -19.13 -13.22
C TRP A 570 21.63 -18.49 -13.24
N GLU A 571 22.62 -19.21 -13.79
CA GLU A 571 24.05 -18.79 -13.79
C GLU A 571 24.21 -17.55 -14.68
N GLU A 572 23.31 -17.32 -15.63
CA GLU A 572 23.30 -16.13 -16.53
C GLU A 572 22.69 -14.90 -15.82
N ILE A 573 22.17 -15.09 -14.60
CA ILE A 573 21.46 -14.01 -13.85
C ILE A 573 22.45 -13.49 -12.80
N PRO A 574 22.83 -12.22 -12.92
CA PRO A 574 23.87 -11.63 -12.07
C PRO A 574 23.46 -11.25 -10.64
N TYR A 575 24.46 -11.04 -9.79
CA TYR A 575 24.35 -10.47 -8.43
C TYR A 575 24.83 -9.00 -8.43
N LEU A 576 24.46 -8.24 -7.40
CA LEU A 576 25.14 -6.99 -7.02
C LEU A 576 26.64 -7.30 -6.86
N GLY A 577 27.50 -6.31 -7.00
CA GLY A 577 28.87 -6.36 -6.48
C GLY A 577 28.88 -6.85 -5.03
N LYS A 578 29.93 -7.59 -4.67
CA LYS A 578 30.07 -8.18 -3.33
C LYS A 578 30.05 -7.04 -2.31
N ARG A 579 30.71 -5.93 -2.59
CA ARG A 579 30.76 -4.79 -1.63
C ARG A 579 29.37 -4.18 -1.53
N GLU A 580 28.70 -3.96 -2.66
CA GLU A 580 27.31 -3.42 -2.64
C GLU A 580 26.37 -4.38 -1.90
N ASP A 581 26.54 -5.68 -2.07
CA ASP A 581 25.69 -6.68 -1.38
C ASP A 581 25.89 -6.55 0.13
N GLN A 582 27.13 -6.35 0.57
CA GLN A 582 27.43 -6.15 2.02
C GLN A 582 26.82 -4.85 2.56
N TRP A 583 27.00 -3.76 1.84
CA TRP A 583 26.37 -2.46 2.16
C TRP A 583 24.85 -2.62 2.40
N CYS A 584 24.14 -3.42 1.56
CA CYS A 584 22.69 -3.63 1.70
C CYS A 584 22.37 -4.78 2.66
N GLY A 585 23.35 -5.22 3.45
CA GLY A 585 23.12 -6.08 4.63
C GLY A 585 23.59 -7.52 4.51
N SER A 586 24.18 -7.96 3.38
CA SER A 586 24.63 -9.36 3.20
C SER A 586 25.58 -9.76 4.34
N LEU A 587 25.55 -11.01 4.74
CA LEU A 587 26.49 -11.62 5.71
C LEU A 587 27.67 -12.28 4.98
N ILE A 588 27.73 -12.18 3.64
CA ILE A 588 28.87 -12.76 2.87
C ILE A 588 30.17 -12.25 3.50
N GLY A 589 31.12 -13.16 3.72
CA GLY A 589 32.42 -12.85 4.34
C GLY A 589 32.44 -13.22 5.80
N LEU A 590 31.29 -13.44 6.45
CA LEU A 590 31.27 -13.92 7.85
C LEU A 590 31.41 -15.45 7.89
N THR A 591 31.98 -15.92 8.99
CA THR A 591 32.22 -17.35 9.33
C THR A 591 30.87 -18.05 9.47
N SER A 592 29.93 -17.46 10.18
CA SER A 592 28.55 -18.00 10.38
C SER A 592 27.88 -18.32 9.02
N ARG A 593 28.06 -17.43 8.05
CA ARG A 593 27.41 -17.50 6.70
C ARG A 593 28.09 -18.56 5.85
N ALA A 594 29.43 -18.62 5.87
CA ALA A 594 30.23 -19.67 5.18
C ALA A 594 29.85 -21.08 5.70
N THR A 595 29.66 -21.28 7.01
CA THR A 595 29.30 -22.59 7.56
C THR A 595 27.87 -22.95 7.18
N TRP A 596 27.02 -21.96 7.15
CA TRP A 596 25.61 -22.14 6.70
C TRP A 596 25.62 -22.58 5.24
N ALA A 597 26.22 -21.81 4.33
CA ALA A 597 26.26 -22.13 2.89
C ALA A 597 26.83 -23.52 2.68
N LYS A 598 27.97 -23.80 3.31
CA LYS A 598 28.71 -25.08 3.11
C LYS A 598 27.82 -26.24 3.54
N ASN A 599 27.13 -26.14 4.68
CA ASN A 599 26.36 -27.27 5.28
C ASN A 599 24.86 -27.19 4.97
N ILE A 600 24.49 -26.52 3.88
CA ILE A 600 23.07 -26.16 3.61
C ILE A 600 22.20 -27.42 3.43
N GLN A 601 22.72 -28.47 2.80
N GLN A 601 22.72 -28.47 2.80
CA GLN A 601 22.02 -29.76 2.58
CA GLN A 601 22.00 -29.76 2.58
C GLN A 601 21.60 -30.38 3.93
C GLN A 601 21.61 -30.39 3.93
N THR A 602 22.38 -30.16 4.99
CA THR A 602 22.04 -30.64 6.35
C THR A 602 20.84 -29.86 6.92
N ALA A 603 20.69 -28.58 6.57
CA ALA A 603 19.56 -27.74 7.04
C ALA A 603 18.33 -28.16 6.27
N ILE A 604 18.51 -28.37 4.98
CA ILE A 604 17.40 -28.79 4.10
C ILE A 604 16.88 -30.15 4.60
N ASN A 605 17.80 -31.05 4.95
CA ASN A 605 17.44 -32.42 5.40
C ASN A 605 16.70 -32.31 6.74
N GLN A 606 17.05 -31.37 7.62
CA GLN A 606 16.36 -31.25 8.95
C GLN A 606 14.87 -30.95 8.71
N VAL A 607 14.61 -29.98 7.83
CA VAL A 607 13.22 -29.55 7.50
C VAL A 607 12.50 -30.73 6.79
N ARG A 608 13.10 -31.33 5.74
CA ARG A 608 12.47 -32.50 5.04
C ARG A 608 12.09 -33.60 6.05
N SER A 609 12.93 -33.88 7.03
CA SER A 609 12.61 -34.91 8.06
C SER A 609 11.43 -34.49 8.89
N LEU A 610 11.21 -33.20 9.12
CA LEU A 610 10.08 -32.75 10.00
C LEU A 610 8.74 -32.88 9.23
N ILE A 611 8.76 -32.51 7.96
CA ILE A 611 7.59 -32.50 7.04
C ILE A 611 7.24 -33.94 6.67
N GLY A 612 8.24 -34.78 6.39
CA GLY A 612 8.12 -36.25 6.27
C GLY A 612 8.42 -36.71 4.86
N ASN A 613 7.90 -37.87 4.50
CA ASN A 613 8.31 -38.61 3.29
C ASN A 613 7.42 -38.13 2.15
N GLU A 614 7.88 -37.12 1.46
CA GLU A 614 7.16 -36.37 0.41
C GLU A 614 8.09 -36.36 -0.79
N GLU A 615 7.64 -35.83 -1.91
CA GLU A 615 8.49 -35.67 -3.11
C GLU A 615 9.11 -34.27 -3.04
N TYR A 616 10.46 -34.19 -3.05
CA TYR A 616 11.29 -32.98 -3.01
C TYR A 616 12.15 -32.93 -4.27
N THR A 617 12.51 -31.71 -4.69
CA THR A 617 13.54 -31.42 -5.72
C THR A 617 14.73 -30.73 -5.04
N ASP A 618 15.97 -31.07 -5.44
CA ASP A 618 17.18 -30.32 -5.04
C ASP A 618 17.39 -29.14 -6.03
N TYR A 619 17.14 -27.90 -5.60
CA TYR A 619 17.44 -26.71 -6.43
C TYR A 619 18.86 -26.17 -6.20
N MET A 620 19.64 -26.74 -5.28
CA MET A 620 20.96 -26.13 -4.94
C MET A 620 21.95 -26.23 -6.12
N PRO A 621 22.00 -27.32 -6.93
CA PRO A 621 22.83 -27.35 -8.14
C PRO A 621 22.58 -26.26 -9.20
N SER A 622 21.48 -25.50 -9.08
CA SER A 622 21.19 -24.29 -9.88
C SER A 622 22.28 -23.24 -9.65
N MET A 623 22.96 -23.29 -8.50
CA MET A 623 24.05 -22.35 -8.13
C MET A 623 25.40 -23.01 -8.46
N LYS A 624 26.36 -22.23 -8.96
CA LYS A 624 27.68 -22.73 -9.42
C LYS A 624 28.36 -23.55 -8.30
N ARG A 625 28.45 -23.00 -7.09
CA ARG A 625 29.26 -23.60 -5.98
C ARG A 625 28.70 -24.97 -5.58
N PHE A 626 27.42 -25.26 -5.86
CA PHE A 626 26.78 -26.56 -5.52
C PHE A 626 26.66 -27.50 -6.74
N ARG A 627 26.98 -26.98 -7.93
CA ARG A 627 26.82 -27.69 -9.23
C ARG A 627 27.78 -28.88 -9.28
N ARG A 628 28.90 -28.79 -8.54
CA ARG A 628 29.86 -29.91 -8.35
C ARG A 628 29.91 -30.77 -9.62
#